data_3CD8
#
_entry.id   3CD8
#
_cell.length_a   42.008
_cell.length_b   43.208
_cell.length_c   158.219
_cell.angle_alpha   90.00
_cell.angle_beta   90.00
_cell.angle_gamma   90.00
#
_symmetry.space_group_name_H-M   'P 21 21 21'
#
loop_
_entity.id
_entity.type
_entity.pdbx_description
1 polymer 'Hepatocyte growth factor receptor'
2 non-polymer 7-methoxy-4-[(6-phenyl[1,2,4]triazolo[4,3-b]pyridazin-3-yl)methoxy]quinoline
3 water water
#
_entity_poly.entity_id   1
_entity_poly.type   'polypeptide(L)'
_entity_poly.pdbx_seq_one_letter_code
;MQNTVHIDLSALNPELVQAVQHVVIGPSSLIVHFNEVIGRGHFGCVYHGTLLDNDGKKIHCAVKSLNRITDIGEVSQFLT
EGIIMKDFSHPNVLSLLGICLRSEGSPLVVLPYMKHGDLRNFIRNETHNPTVKDLIGFGLQVAKGMKYLASKKFVHRDLA
ARNCMLDEKFTVKVADFGLARDMYDKEYYSVHNKTGAKLPVKWMALESLQTQKFTTKSDVWSFGVLLWELMTRGAPPYPD
VNTFDITVYLLQGRRLLQPEYCPDPLYEVMLKCWHPKAEMRPSFSELVSRISAIFSTFIGEHYVHHHHHH
;
_entity_poly.pdbx_strand_id   A
#
loop_
_chem_comp.id
_chem_comp.type
_chem_comp.name
_chem_comp.formula
L5G non-polymer 7-methoxy-4-[(6-phenyl[1,2,4]triazolo[4,3-b]pyridazin-3-yl)methoxy]quinoline 'C22 H17 N5 O2'
#
# COMPACT_ATOMS: atom_id res chain seq x y z
N ASP A 8 8.37 -28.43 -7.92
CA ASP A 8 8.86 -28.72 -9.30
C ASP A 8 9.83 -27.64 -9.79
N LEU A 9 11.10 -27.81 -9.45
CA LEU A 9 12.17 -26.85 -9.75
C LEU A 9 12.50 -26.72 -11.24
N SER A 10 12.17 -27.76 -12.01
CA SER A 10 12.39 -27.77 -13.45
C SER A 10 11.51 -26.77 -14.22
N ALA A 11 10.32 -26.50 -13.68
CA ALA A 11 9.36 -25.60 -14.31
C ALA A 11 9.69 -24.12 -14.11
N LEU A 12 10.60 -23.82 -13.20
CA LEU A 12 11.00 -22.44 -12.93
C LEU A 12 12.04 -21.95 -13.93
N ASN A 13 12.12 -20.63 -14.08
CA ASN A 13 13.23 -19.98 -14.74
C ASN A 13 14.51 -20.49 -14.08
N PRO A 14 15.43 -21.10 -14.86
CA PRO A 14 16.69 -21.65 -14.33
C PRO A 14 17.51 -20.64 -13.52
N GLU A 15 17.29 -19.35 -13.76
CA GLU A 15 17.92 -18.27 -12.99
C GLU A 15 17.47 -18.27 -11.53
N LEU A 16 16.25 -18.74 -11.28
CA LEU A 16 15.60 -18.57 -9.98
C LEU A 16 15.67 -19.78 -9.05
N VAL A 17 16.18 -20.90 -9.56
CA VAL A 17 16.23 -22.17 -8.79
C VAL A 17 17.00 -22.04 -7.46
N GLN A 18 18.09 -21.28 -7.48
CA GLN A 18 18.93 -21.07 -6.30
C GLN A 18 18.25 -20.25 -5.20
N ALA A 19 17.23 -19.47 -5.59
CA ALA A 19 16.53 -18.59 -4.67
C ALA A 19 15.37 -19.25 -3.94
N VAL A 20 15.00 -20.46 -4.37
CA VAL A 20 13.89 -21.21 -3.78
C VAL A 20 14.15 -21.56 -2.31
N GLN A 21 15.37 -21.97 -2.02
CA GLN A 21 15.77 -22.36 -0.65
C GLN A 21 15.68 -21.20 0.34
N HIS A 22 15.75 -19.96 -0.17
CA HIS A 22 15.69 -18.76 0.65
C HIS A 22 14.29 -18.18 0.84
N VAL A 23 13.34 -18.63 0.01
CA VAL A 23 11.96 -18.14 0.10
C VAL A 23 11.02 -19.12 0.79
N VAL A 24 11.39 -20.40 0.77
CA VAL A 24 10.55 -21.46 1.32
C VAL A 24 10.79 -21.68 2.82
N ILE A 25 9.71 -21.70 3.59
CA ILE A 25 9.77 -21.95 5.02
C ILE A 25 9.30 -23.36 5.31
N GLY A 26 10.18 -24.16 5.92
CA GLY A 26 9.83 -25.52 6.33
C GLY A 26 8.84 -25.47 7.48
N PRO A 27 7.71 -26.19 7.35
CA PRO A 27 6.59 -26.18 8.32
C PRO A 27 6.97 -26.38 9.79
N SER A 28 8.14 -26.98 10.04
CA SER A 28 8.64 -27.18 11.39
C SER A 28 9.14 -25.89 12.04
N SER A 29 9.40 -24.88 11.20
CA SER A 29 9.93 -23.59 11.65
C SER A 29 8.83 -22.58 11.98
N LEU A 30 7.61 -22.86 11.54
CA LEU A 30 6.49 -21.93 11.67
C LEU A 30 5.37 -22.47 12.55
N ILE A 31 5.06 -21.72 13.61
CA ILE A 31 3.84 -21.95 14.38
C ILE A 31 2.84 -20.90 13.92
N VAL A 32 1.60 -21.32 13.69
CA VAL A 32 0.54 -20.39 13.27
C VAL A 32 -0.71 -20.55 14.14
N HIS A 33 -1.17 -19.43 14.68
CA HIS A 33 -2.28 -19.40 15.63
C HIS A 33 -3.63 -19.16 14.94
N PHE A 34 -4.23 -20.25 14.47
CA PHE A 34 -5.50 -20.18 13.73
C PHE A 34 -6.71 -19.85 14.62
N ASN A 35 -6.47 -19.73 15.93
CA ASN A 35 -7.52 -19.48 16.91
C ASN A 35 -8.09 -18.06 16.91
N GLU A 36 -7.28 -17.08 16.50
CA GLU A 36 -7.78 -15.71 16.36
C GLU A 36 -7.33 -15.01 15.07
N VAL A 37 -8.32 -14.60 14.29
CA VAL A 37 -8.11 -13.83 13.06
C VAL A 37 -7.72 -12.39 13.42
N ILE A 38 -6.66 -11.89 12.81
CA ILE A 38 -6.19 -10.52 13.03
C ILE A 38 -6.48 -9.59 11.86
N GLY A 39 -6.64 -10.18 10.67
CA GLY A 39 -6.98 -9.44 9.46
C GLY A 39 -7.80 -10.29 8.52
N ARG A 40 -8.79 -9.68 7.88
CA ARG A 40 -9.64 -10.37 6.93
C ARG A 40 -9.51 -9.73 5.55
N GLY A 41 -9.08 -10.53 4.58
CA GLY A 41 -9.03 -10.11 3.19
C GLY A 41 -9.98 -10.95 2.36
N HIS A 42 -10.27 -10.50 1.15
CA HIS A 42 -11.12 -11.25 0.21
C HIS A 42 -10.53 -12.63 -0.15
N PHE A 43 -9.21 -12.71 -0.32
CA PHE A 43 -8.56 -13.96 -0.68
C PHE A 43 -8.24 -14.87 0.52
N GLY A 44 -8.38 -14.35 1.73
CA GLY A 44 -8.15 -15.17 2.94
C GLY A 44 -7.88 -14.40 4.21
N CYS A 45 -7.82 -15.13 5.32
CA CYS A 45 -7.58 -14.55 6.65
C CYS A 45 -6.10 -14.39 6.97
N VAL A 46 -5.82 -13.62 8.03
CA VAL A 46 -4.47 -13.42 8.55
C VAL A 46 -4.46 -13.83 10.02
N TYR A 47 -3.37 -14.48 10.44
CA TYR A 47 -3.24 -14.98 11.81
C TYR A 47 -1.88 -14.61 12.41
N HIS A 48 -1.78 -14.65 13.74
CA HIS A 48 -0.49 -14.56 14.44
C HIS A 48 0.35 -15.77 14.09
N GLY A 49 1.65 -15.57 13.97
CA GLY A 49 2.59 -16.65 13.74
C GLY A 49 3.91 -16.41 14.45
N THR A 50 4.52 -17.49 14.91
CA THR A 50 5.86 -17.42 15.49
C THR A 50 6.82 -18.19 14.58
N LEU A 51 7.87 -17.52 14.14
CA LEU A 51 8.83 -18.09 13.22
C LEU A 51 10.14 -18.40 13.91
N LYS A 58 12.97 -16.41 18.27
CA LYS A 58 11.57 -16.49 17.85
C LYS A 58 11.06 -15.11 17.41
N ILE A 59 10.80 -14.96 16.12
CA ILE A 59 10.28 -13.69 15.59
C ILE A 59 8.77 -13.75 15.38
N HIS A 60 8.11 -12.63 15.61
CA HIS A 60 6.67 -12.55 15.48
C HIS A 60 6.29 -12.17 14.04
N CYS A 61 5.35 -12.92 13.48
CA CYS A 61 4.93 -12.69 12.10
C CYS A 61 3.42 -12.77 11.90
N ALA A 62 2.97 -12.33 10.73
CA ALA A 62 1.58 -12.44 10.31
C ALA A 62 1.51 -13.44 9.17
N VAL A 63 0.67 -14.46 9.36
CA VAL A 63 0.55 -15.54 8.39
C VAL A 63 -0.77 -15.37 7.63
N LYS A 64 -0.66 -15.18 6.33
CA LYS A 64 -1.85 -14.99 5.50
C LYS A 64 -2.25 -16.24 4.75
N SER A 65 -3.50 -16.65 4.96
CA SER A 65 -4.11 -17.76 4.25
C SER A 65 -4.61 -17.28 2.89
N LEU A 66 -4.59 -18.17 1.91
CA LEU A 66 -5.18 -17.89 0.60
C LEU A 66 -6.36 -18.82 0.33
N ASN A 67 -6.97 -19.29 1.44
CA ASN A 67 -8.09 -20.23 1.43
C ASN A 67 -9.27 -19.90 0.52
N ARG A 68 -9.69 -18.64 0.56
CA ARG A 68 -10.94 -18.19 -0.07
C ARG A 68 -10.88 -18.13 -1.60
N ILE A 69 -9.67 -18.21 -2.17
CA ILE A 69 -9.46 -18.00 -3.60
C ILE A 69 -10.09 -19.07 -4.49
N GLY A 73 -3.47 -20.81 -9.04
CA GLY A 73 -2.87 -20.73 -10.36
C GLY A 73 -1.63 -21.59 -10.50
N GLU A 74 -0.73 -21.19 -11.39
CA GLU A 74 0.52 -21.91 -11.63
C GLU A 74 1.43 -21.78 -10.41
N VAL A 75 1.72 -22.91 -9.78
CA VAL A 75 2.57 -22.95 -8.57
C VAL A 75 3.94 -22.32 -8.84
N SER A 76 4.46 -22.57 -10.04
CA SER A 76 5.71 -21.96 -10.53
C SER A 76 5.65 -20.44 -10.48
N GLN A 77 4.54 -19.86 -10.93
CA GLN A 77 4.35 -18.41 -10.94
C GLN A 77 4.24 -17.83 -9.53
N PHE A 78 3.51 -18.52 -8.65
CA PHE A 78 3.40 -18.16 -7.25
C PHE A 78 4.78 -18.04 -6.60
N LEU A 79 5.65 -19.00 -6.91
CA LEU A 79 7.02 -19.00 -6.41
C LEU A 79 7.88 -17.87 -6.98
N THR A 80 7.73 -17.58 -8.26
CA THR A 80 8.48 -16.49 -8.91
C THR A 80 8.10 -15.15 -8.32
N GLU A 81 6.80 -14.97 -8.08
CA GLU A 81 6.24 -13.80 -7.40
C GLU A 81 6.88 -13.61 -6.02
N GLY A 82 6.99 -14.71 -5.26
CA GLY A 82 7.59 -14.68 -3.93
C GLY A 82 9.08 -14.39 -3.95
N ILE A 83 9.76 -14.93 -4.95
CA ILE A 83 11.20 -14.71 -5.15
C ILE A 83 11.50 -13.23 -5.48
N ILE A 84 10.66 -12.62 -6.32
CA ILE A 84 10.75 -11.19 -6.65
C ILE A 84 10.57 -10.33 -5.39
N MET A 85 9.57 -10.67 -4.60
CA MET A 85 9.18 -9.90 -3.42
C MET A 85 10.16 -10.02 -2.25
N LYS A 86 10.79 -11.17 -2.13
CA LYS A 86 11.74 -11.40 -1.03
C LYS A 86 13.03 -10.59 -1.23
N ASP A 87 13.37 -10.32 -2.48
CA ASP A 87 14.56 -9.53 -2.84
C ASP A 87 14.40 -8.04 -2.54
N PHE A 88 13.15 -7.57 -2.47
CA PHE A 88 12.81 -6.21 -2.06
C PHE A 88 13.17 -6.02 -0.60
N SER A 89 13.99 -5.01 -0.31
CA SER A 89 14.35 -4.68 1.07
C SER A 89 14.48 -3.18 1.27
N HIS A 90 13.50 -2.61 1.97
CA HIS A 90 13.50 -1.19 2.31
C HIS A 90 12.76 -1.00 3.64
N PRO A 91 13.25 -0.08 4.51
CA PRO A 91 12.60 0.17 5.80
C PRO A 91 11.14 0.63 5.70
N ASN A 92 10.74 1.14 4.53
CA ASN A 92 9.37 1.62 4.34
C ASN A 92 8.58 0.78 3.35
N VAL A 93 9.03 -0.47 3.16
CA VAL A 93 8.34 -1.46 2.33
C VAL A 93 8.21 -2.74 3.16
N LEU A 94 6.99 -3.30 3.21
CA LEU A 94 6.74 -4.56 3.91
C LEU A 94 7.50 -5.70 3.21
N SER A 95 8.33 -6.40 3.97
CA SER A 95 9.10 -7.50 3.41
C SER A 95 8.30 -8.81 3.35
N LEU A 96 8.80 -9.78 2.60
CA LEU A 96 8.29 -11.14 2.63
C LEU A 96 9.31 -11.99 3.36
N LEU A 97 8.87 -12.65 4.42
CA LEU A 97 9.74 -13.55 5.18
C LEU A 97 9.90 -14.87 4.43
N GLY A 98 8.78 -15.37 3.89
CA GLY A 98 8.78 -16.56 3.04
C GLY A 98 7.40 -17.15 2.84
N ILE A 99 7.35 -18.30 2.17
CA ILE A 99 6.11 -19.06 1.97
C ILE A 99 6.22 -20.43 2.62
N CYS A 100 5.11 -20.95 3.12
CA CYS A 100 5.09 -22.23 3.83
C CYS A 100 3.94 -23.11 3.37
N SER A 106 -3.50 -25.05 0.86
CA SER A 106 -3.03 -23.83 0.19
C SER A 106 -1.76 -23.28 0.84
N PRO A 107 -0.83 -22.72 0.03
CA PRO A 107 0.39 -22.08 0.57
C PRO A 107 0.08 -20.92 1.52
N LEU A 108 0.88 -20.79 2.58
CA LEU A 108 0.74 -19.69 3.54
C LEU A 108 1.79 -18.61 3.29
N VAL A 109 1.35 -17.35 3.27
CA VAL A 109 2.25 -16.22 3.08
C VAL A 109 2.72 -15.70 4.45
N VAL A 110 4.03 -15.63 4.65
CA VAL A 110 4.60 -15.25 5.94
C VAL A 110 5.23 -13.85 5.91
N LEU A 111 4.63 -12.95 6.67
CA LEU A 111 4.99 -11.53 6.64
C LEU A 111 5.39 -11.04 8.03
N PRO A 112 6.30 -10.05 8.10
CA PRO A 112 6.60 -9.48 9.41
C PRO A 112 5.32 -8.99 10.08
N TYR A 113 5.24 -9.17 11.39
CA TYR A 113 4.10 -8.71 12.16
C TYR A 113 4.13 -7.19 12.33
N MET A 114 3.03 -6.54 11.95
CA MET A 114 2.91 -5.09 12.05
C MET A 114 1.97 -4.73 13.20
N LYS A 115 2.56 -4.50 14.37
CA LYS A 115 1.83 -4.32 15.63
C LYS A 115 0.65 -3.34 15.58
N HIS A 116 0.85 -2.20 14.91
CA HIS A 116 -0.14 -1.13 14.93
C HIS A 116 -1.11 -1.09 13.75
N GLY A 117 -1.13 -2.18 12.97
CA GLY A 117 -2.09 -2.36 11.89
C GLY A 117 -1.89 -1.41 10.72
N ASP A 118 -2.98 -1.16 10.00
CA ASP A 118 -2.94 -0.30 8.82
C ASP A 118 -2.95 1.18 9.21
N LEU A 119 -2.34 2.00 8.35
CA LEU A 119 -2.21 3.44 8.58
C LEU A 119 -3.54 4.15 8.80
N ARG A 120 -4.55 3.82 7.99
CA ARG A 120 -5.85 4.50 8.10
C ARG A 120 -6.53 4.31 9.44
N ASN A 121 -6.61 3.06 9.90
CA ASN A 121 -7.19 2.78 11.22
C ASN A 121 -6.39 3.44 12.35
N PHE A 122 -5.07 3.43 12.23
CA PHE A 122 -4.18 4.06 13.21
C PHE A 122 -4.42 5.58 13.38
N ILE A 123 -4.60 6.29 12.27
CA ILE A 123 -4.86 7.74 12.33
C ILE A 123 -6.30 8.07 12.69
N ARG A 124 -7.20 7.09 12.53
CA ARG A 124 -8.61 7.23 12.93
C ARG A 124 -8.82 6.95 14.42
N ASN A 125 -7.91 6.18 14.99
CA ASN A 125 -7.97 5.73 16.38
C ASN A 125 -7.90 6.86 17.40
N GLU A 126 -8.92 6.95 18.27
CA GLU A 126 -8.98 7.94 19.33
C GLU A 126 -7.85 7.78 20.37
N THR A 127 -7.20 6.61 20.34
CA THR A 127 -5.96 6.37 21.06
C THR A 127 -4.80 6.77 20.13
N HIS A 128 -3.73 7.30 20.71
CA HIS A 128 -2.61 7.89 19.96
C HIS A 128 -3.02 9.22 19.33
N ASN A 129 -2.15 10.21 19.51
CA ASN A 129 -2.42 11.58 19.10
C ASN A 129 -1.31 12.12 18.19
N PRO A 130 -1.28 11.68 16.92
CA PRO A 130 -0.23 12.18 16.03
C PRO A 130 -0.38 13.68 15.81
N THR A 131 0.76 14.38 15.85
CA THR A 131 0.80 15.80 15.53
C THR A 131 0.79 15.95 14.02
N VAL A 132 0.62 17.18 13.54
CA VAL A 132 0.71 17.47 12.11
C VAL A 132 2.08 17.05 11.56
N LYS A 133 3.13 17.26 12.35
CA LYS A 133 4.48 16.81 11.97
C LYS A 133 4.55 15.28 11.84
N ASP A 134 3.99 14.56 12.82
CA ASP A 134 3.90 13.09 12.75
C ASP A 134 3.22 12.64 11.46
N LEU A 135 2.09 13.28 11.15
CA LEU A 135 1.27 12.94 9.99
C LEU A 135 2.01 13.14 8.67
N ILE A 136 2.70 14.26 8.56
CA ILE A 136 3.54 14.56 7.39
C ILE A 136 4.68 13.54 7.27
N GLY A 137 5.26 13.18 8.41
CA GLY A 137 6.28 12.14 8.50
C GLY A 137 5.81 10.77 8.05
N PHE A 138 4.58 10.39 8.39
CA PHE A 138 3.98 9.15 7.90
C PHE A 138 3.94 9.21 6.36
N GLY A 139 3.55 10.36 5.82
CA GLY A 139 3.54 10.62 4.37
C GLY A 139 4.90 10.55 3.70
N LEU A 140 5.91 11.11 4.37
CA LEU A 140 7.28 11.06 3.88
C LEU A 140 7.80 9.63 3.77
N GLN A 141 7.53 8.83 4.81
CA GLN A 141 7.89 7.41 4.85
C GLN A 141 7.26 6.62 3.70
N VAL A 142 5.98 6.86 3.46
CA VAL A 142 5.28 6.26 2.32
C VAL A 142 5.96 6.65 1.00
N ALA A 143 6.30 7.93 0.85
CA ALA A 143 6.99 8.44 -0.33
C ALA A 143 8.35 7.77 -0.59
N LYS A 144 9.09 7.48 0.48
CA LYS A 144 10.40 6.82 0.37
C LYS A 144 10.24 5.35 -0.01
N GLY A 145 9.24 4.68 0.57
CA GLY A 145 8.87 3.31 0.19
C GLY A 145 8.47 3.20 -1.27
N MET A 146 7.70 4.19 -1.74
CA MET A 146 7.26 4.23 -3.12
C MET A 146 8.38 4.61 -4.07
N LYS A 147 9.29 5.45 -3.60
CA LYS A 147 10.50 5.78 -4.37
C LYS A 147 11.33 4.52 -4.64
N TYR A 148 11.47 3.68 -3.61
CA TYR A 148 12.16 2.39 -3.73
C TYR A 148 11.44 1.46 -4.72
N LEU A 149 10.14 1.28 -4.53
CA LEU A 149 9.33 0.42 -5.40
C LEU A 149 9.39 0.87 -6.86
N ALA A 150 9.25 2.18 -7.08
CA ALA A 150 9.29 2.75 -8.43
C ALA A 150 10.66 2.61 -9.11
N SER A 151 11.73 2.58 -8.31
CA SER A 151 13.08 2.39 -8.83
C SER A 151 13.29 0.93 -9.23
N LYS A 152 12.54 0.03 -8.60
CA LYS A 152 12.50 -1.38 -8.99
C LYS A 152 11.50 -1.61 -10.16
N LYS A 153 11.01 -0.51 -10.74
CA LYS A 153 10.03 -0.53 -11.85
C LYS A 153 8.71 -1.24 -11.49
N PHE A 154 8.36 -1.18 -10.21
CA PHE A 154 7.18 -1.86 -9.71
C PHE A 154 6.03 -0.88 -9.50
N VAL A 155 4.88 -1.18 -10.10
CA VAL A 155 3.67 -0.36 -9.98
C VAL A 155 2.75 -1.00 -8.95
N HIS A 156 2.40 -0.24 -7.91
CA HIS A 156 1.60 -0.78 -6.82
C HIS A 156 0.12 -1.03 -7.18
N ARG A 157 -0.49 -0.08 -7.90
CA ARG A 157 -1.89 -0.17 -8.37
C ARG A 157 -2.97 0.10 -7.31
N ASP A 158 -2.62 -0.03 -6.03
CA ASP A 158 -3.62 0.13 -4.97
C ASP A 158 -3.05 0.83 -3.72
N LEU A 159 -2.28 1.90 -3.94
CA LEU A 159 -1.78 2.71 -2.84
C LEU A 159 -2.91 3.49 -2.17
N ALA A 160 -3.03 3.28 -0.86
CA ALA A 160 -4.02 3.96 -0.02
C ALA A 160 -3.55 3.80 1.42
N ALA A 161 -4.12 4.59 2.33
CA ALA A 161 -3.75 4.52 3.76
C ALA A 161 -4.09 3.17 4.37
N ARG A 162 -5.22 2.57 3.95
CA ARG A 162 -5.59 1.21 4.35
C ARG A 162 -4.53 0.16 3.97
N ASN A 163 -3.74 0.47 2.95
CA ASN A 163 -2.79 -0.49 2.39
C ASN A 163 -1.33 -0.27 2.78
N CYS A 164 -1.12 0.58 3.78
CA CYS A 164 0.18 0.80 4.37
C CYS A 164 0.03 0.38 5.84
N MET A 165 1.13 -0.05 6.46
CA MET A 165 1.04 -0.54 7.85
C MET A 165 2.16 0.01 8.73
N LEU A 166 1.96 -0.06 10.05
CA LEU A 166 2.95 0.42 11.04
C LEU A 166 3.43 -0.69 11.98
N ASP A 167 4.74 -0.75 12.20
CA ASP A 167 5.32 -1.70 13.16
C ASP A 167 5.34 -1.13 14.60
N GLU A 168 6.11 -1.78 15.47
CA GLU A 168 6.21 -1.41 16.88
C GLU A 168 6.91 -0.07 17.13
N LYS A 169 7.79 0.33 16.20
CA LYS A 169 8.50 1.60 16.30
C LYS A 169 7.82 2.67 15.43
N PHE A 170 6.58 2.40 15.05
CA PHE A 170 5.75 3.29 14.21
C PHE A 170 6.37 3.59 12.86
N THR A 171 7.19 2.65 12.38
CA THR A 171 7.76 2.72 11.03
C THR A 171 6.68 2.35 10.03
N VAL A 172 6.39 3.28 9.13
CA VAL A 172 5.33 3.08 8.12
C VAL A 172 5.91 2.33 6.94
N LYS A 173 5.17 1.32 6.50
CA LYS A 173 5.59 0.48 5.39
C LYS A 173 4.49 0.33 4.34
N VAL A 174 4.85 0.57 3.08
CA VAL A 174 3.98 0.28 1.96
C VAL A 174 3.76 -1.24 1.90
N ALA A 175 2.50 -1.64 1.95
CA ALA A 175 2.16 -3.06 2.00
C ALA A 175 1.19 -3.42 0.87
N ASP A 176 0.41 -4.48 1.05
CA ASP A 176 -0.63 -4.87 0.09
C ASP A 176 -0.10 -5.01 -1.35
N PHE A 177 1.00 -5.73 -1.50
CA PHE A 177 1.55 -5.99 -2.83
C PHE A 177 2.17 -7.38 -2.89
N GLY A 178 2.33 -7.91 -4.11
CA GLY A 178 2.84 -9.27 -4.34
C GLY A 178 1.90 -10.32 -3.78
N LEU A 179 2.44 -11.23 -2.98
CA LEU A 179 1.64 -12.27 -2.33
C LEU A 179 0.77 -11.74 -1.17
N ALA A 180 1.01 -10.48 -0.77
CA ALA A 180 0.19 -9.83 0.25
C ALA A 180 -1.03 -9.08 -0.32
N ARG A 181 -1.08 -8.95 -1.64
CA ARG A 181 -2.13 -8.18 -2.32
C ARG A 181 -3.53 -8.77 -2.12
N ASP A 182 -4.48 -7.89 -1.79
CA ASP A 182 -5.86 -8.29 -1.50
C ASP A 182 -6.73 -7.04 -1.39
N MET A 183 -8.03 -7.25 -1.21
CA MET A 183 -8.94 -6.19 -0.83
C MET A 183 -9.25 -6.35 0.66
N TYR A 184 -8.62 -5.52 1.50
CA TYR A 184 -8.77 -5.64 2.94
C TYR A 184 -9.90 -4.74 3.49
N ASP A 185 -10.42 -3.86 2.66
CA ASP A 185 -11.64 -3.10 2.98
C ASP A 185 -12.51 -3.02 1.72
N LYS A 186 -13.41 -3.99 1.58
CA LYS A 186 -14.17 -4.17 0.35
C LYS A 186 -15.07 -2.99 -0.02
N GLU A 187 -15.38 -2.14 0.95
CA GLU A 187 -16.24 -0.97 0.73
C GLU A 187 -15.73 -0.06 -0.39
N TYR A 188 -14.40 0.04 -0.50
CA TYR A 188 -13.78 1.01 -1.40
C TYR A 188 -13.38 0.45 -2.76
N TYR A 189 -14.04 -0.63 -3.17
CA TYR A 189 -13.77 -1.27 -4.46
C TYR A 189 -15.06 -1.46 -5.26
N SER A 190 -15.06 -0.98 -6.50
CA SER A 190 -16.25 -1.02 -7.35
C SER A 190 -16.07 -1.83 -8.63
N VAL A 191 -17.12 -2.54 -9.01
CA VAL A 191 -17.12 -3.42 -10.18
C VAL A 191 -17.29 -2.63 -11.48
N HIS A 192 -16.32 -2.75 -12.36
CA HIS A 192 -16.41 -2.15 -13.69
C HIS A 192 -17.29 -2.98 -14.62
N LYS A 194 -16.90 -3.31 -20.31
CA LYS A 194 -16.90 -3.64 -18.89
C LYS A 194 -16.12 -4.92 -18.56
N THR A 195 -15.05 -4.76 -17.79
CA THR A 195 -14.30 -5.89 -17.24
C THR A 195 -14.59 -5.97 -15.75
N GLY A 196 -15.01 -7.14 -15.28
CA GLY A 196 -15.47 -7.33 -13.89
C GLY A 196 -14.54 -6.91 -12.76
N ALA A 197 -13.42 -6.28 -13.12
CA ALA A 197 -12.41 -5.82 -12.17
C ALA A 197 -12.98 -4.93 -11.04
N LYS A 198 -12.57 -5.22 -9.82
CA LYS A 198 -13.02 -4.48 -8.63
C LYS A 198 -11.96 -3.44 -8.25
N LEU A 199 -12.24 -2.18 -8.57
CA LEU A 199 -11.21 -1.13 -8.56
C LEU A 199 -11.38 -0.09 -7.46
N PRO A 200 -10.25 0.46 -6.95
CA PRO A 200 -10.29 1.48 -5.90
C PRO A 200 -10.50 2.88 -6.52
N VAL A 201 -11.68 3.11 -7.10
CA VAL A 201 -11.92 4.27 -7.99
C VAL A 201 -11.59 5.65 -7.41
N LYS A 202 -11.80 5.81 -6.10
CA LYS A 202 -11.57 7.10 -5.45
C LYS A 202 -10.08 7.42 -5.21
N TRP A 203 -9.23 6.43 -5.47
CA TRP A 203 -7.75 6.59 -5.39
C TRP A 203 -7.10 6.60 -6.76
N MET A 204 -7.91 6.42 -7.80
CA MET A 204 -7.39 6.25 -9.14
C MET A 204 -7.25 7.54 -9.94
N ALA A 205 -6.23 7.57 -10.79
CA ALA A 205 -5.99 8.68 -11.68
C ALA A 205 -7.04 8.71 -12.77
N LEU A 206 -7.33 9.92 -13.26
CA LEU A 206 -8.26 10.10 -14.37
C LEU A 206 -8.06 9.10 -15.51
N GLU A 207 -6.83 8.95 -15.98
CA GLU A 207 -6.53 8.09 -17.13
C GLU A 207 -6.71 6.60 -16.87
N SER A 208 -6.53 6.18 -15.62
CA SER A 208 -6.73 4.80 -15.20
C SER A 208 -8.20 4.44 -15.12
N LEU A 209 -9.03 5.40 -14.73
CA LEU A 209 -10.48 5.19 -14.69
C LEU A 209 -11.00 4.96 -16.11
N GLN A 210 -10.36 5.63 -17.06
CA GLN A 210 -10.71 5.57 -18.47
C GLN A 210 -10.18 4.31 -19.15
N THR A 211 -8.94 3.93 -18.86
CA THR A 211 -8.27 2.83 -19.57
C THR A 211 -8.06 1.54 -18.75
N GLN A 212 -8.18 1.65 -17.42
CA GLN A 212 -7.80 0.57 -16.48
C GLN A 212 -6.32 0.16 -16.56
N LYS A 213 -5.48 1.07 -17.07
CA LYS A 213 -4.03 0.87 -17.06
C LYS A 213 -3.42 1.67 -15.91
N PHE A 214 -2.53 1.01 -15.17
CA PHE A 214 -1.91 1.60 -13.99
C PHE A 214 -0.43 1.79 -14.22
N THR A 215 0.08 2.96 -13.85
CA THR A 215 1.49 3.29 -13.98
C THR A 215 2.00 3.86 -12.68
N THR A 216 3.31 4.07 -12.61
CA THR A 216 3.93 4.76 -11.48
C THR A 216 3.36 6.18 -11.31
N LYS A 217 3.02 6.84 -12.42
CA LYS A 217 2.41 8.16 -12.34
C LYS A 217 0.98 8.09 -11.80
N SER A 218 0.28 6.96 -12.00
CA SER A 218 -1.03 6.79 -11.36
C SER A 218 -0.90 6.41 -9.87
N ASP A 219 0.21 5.77 -9.50
CA ASP A 219 0.55 5.59 -8.08
C ASP A 219 0.76 6.96 -7.41
N VAL A 220 1.33 7.90 -8.15
CA VAL A 220 1.56 9.26 -7.68
C VAL A 220 0.23 10.01 -7.39
N TRP A 221 -0.77 9.82 -8.25
CA TRP A 221 -2.14 10.33 -7.98
C TRP A 221 -2.70 9.72 -6.68
N SER A 222 -2.62 8.39 -6.56
CA SER A 222 -3.03 7.67 -5.36
C SER A 222 -2.33 8.19 -4.10
N PHE A 223 -1.04 8.48 -4.23
CA PHE A 223 -0.26 9.04 -3.11
C PHE A 223 -0.81 10.38 -2.63
N GLY A 224 -1.20 11.25 -3.57
CA GLY A 224 -1.82 12.53 -3.23
C GLY A 224 -3.08 12.36 -2.41
N VAL A 225 -3.91 11.40 -2.81
CA VAL A 225 -5.12 11.06 -2.06
C VAL A 225 -4.75 10.54 -0.67
N LEU A 226 -3.70 9.73 -0.59
CA LEU A 226 -3.17 9.23 0.69
C LEU A 226 -2.74 10.37 1.64
N LEU A 227 -2.03 11.36 1.10
CA LEU A 227 -1.66 12.57 1.86
C LEU A 227 -2.89 13.28 2.42
N TRP A 228 -3.94 13.37 1.61
CA TRP A 228 -5.22 13.94 2.03
C TRP A 228 -5.83 13.14 3.19
N GLU A 229 -5.80 11.81 3.06
CA GLU A 229 -6.24 10.92 4.15
C GLU A 229 -5.51 11.21 5.44
N LEU A 230 -4.17 11.32 5.35
CA LEU A 230 -3.34 11.63 6.51
C LEU A 230 -3.73 12.96 7.18
N MET A 231 -3.90 14.00 6.39
CA MET A 231 -4.17 15.33 6.92
C MET A 231 -5.60 15.51 7.45
N THR A 232 -6.51 14.61 7.07
CA THR A 232 -7.88 14.57 7.59
C THR A 232 -8.05 13.53 8.69
N ARG A 233 -6.95 12.84 9.02
CA ARG A 233 -6.94 11.69 9.93
C ARG A 233 -7.93 10.58 9.54
N GLY A 234 -7.92 10.24 8.25
CA GLY A 234 -8.63 9.08 7.74
C GLY A 234 -10.08 9.30 7.39
N ALA A 235 -10.42 10.51 6.92
CA ALA A 235 -11.74 10.78 6.35
C ALA A 235 -11.85 10.08 4.99
N PRO A 236 -13.04 9.54 4.67
CA PRO A 236 -13.27 8.99 3.34
C PRO A 236 -13.26 10.08 2.28
N PRO A 237 -12.48 9.88 1.20
CA PRO A 237 -12.46 10.87 0.12
C PRO A 237 -13.75 10.82 -0.72
N TYR A 238 -14.19 12.01 -1.16
CA TYR A 238 -15.39 12.20 -1.98
C TYR A 238 -16.62 11.43 -1.45
N PRO A 239 -17.06 11.74 -0.22
CA PRO A 239 -18.14 10.90 0.34
C PRO A 239 -19.50 11.10 -0.32
N ASP A 240 -19.71 12.26 -0.94
CA ASP A 240 -20.98 12.58 -1.62
C ASP A 240 -20.89 12.35 -3.14
N VAL A 241 -19.89 11.57 -3.53
CA VAL A 241 -19.78 11.05 -4.89
C VAL A 241 -20.02 9.53 -4.81
N ASN A 242 -20.81 9.02 -5.76
CA ASN A 242 -21.14 7.61 -5.88
C ASN A 242 -20.26 6.87 -6.90
N THR A 243 -19.34 6.03 -6.38
CA THR A 243 -18.50 5.13 -7.20
C THR A 243 -17.91 5.72 -8.50
N PHE A 244 -18.33 5.19 -9.65
CA PHE A 244 -17.79 5.58 -10.97
C PHE A 244 -18.23 6.93 -11.52
N ASP A 245 -19.14 7.62 -10.82
CA ASP A 245 -19.48 9.00 -11.15
C ASP A 245 -18.31 9.92 -10.74
N ILE A 246 -17.19 9.32 -10.35
CA ILE A 246 -16.01 10.09 -9.92
C ILE A 246 -15.34 10.79 -11.09
N THR A 247 -15.34 10.15 -12.26
CA THR A 247 -14.78 10.72 -13.49
C THR A 247 -15.51 12.00 -13.87
N VAL A 248 -16.84 11.96 -13.80
CA VAL A 248 -17.69 13.12 -14.04
C VAL A 248 -17.36 14.25 -13.06
N TYR A 249 -17.37 13.92 -11.77
CA TYR A 249 -17.04 14.85 -10.69
C TYR A 249 -15.69 15.54 -10.90
N LEU A 250 -14.66 14.76 -11.21
CA LEU A 250 -13.32 15.31 -11.44
C LEU A 250 -13.26 16.19 -12.68
N LEU A 251 -13.89 15.75 -13.77
CA LEU A 251 -13.88 16.49 -15.04
C LEU A 251 -14.68 17.80 -15.02
N GLN A 252 -15.46 18.00 -13.96
CA GLN A 252 -16.09 19.30 -13.68
C GLN A 252 -15.05 20.35 -13.27
N GLY A 253 -13.83 19.89 -12.98
CA GLY A 253 -12.74 20.76 -12.54
C GLY A 253 -12.61 20.77 -11.03
N ARG A 254 -12.71 19.58 -10.43
CA ARG A 254 -12.71 19.44 -8.99
C ARG A 254 -11.52 18.63 -8.46
N ARG A 255 -11.08 18.97 -7.25
CA ARG A 255 -10.13 18.16 -6.49
C ARG A 255 -10.60 18.13 -5.05
N LEU A 256 -10.04 17.20 -4.27
CA LEU A 256 -10.27 17.15 -2.83
C LEU A 256 -9.82 18.49 -2.21
N LEU A 257 -10.61 18.99 -1.27
CA LEU A 257 -10.38 20.29 -0.64
C LEU A 257 -9.25 20.22 0.38
N GLN A 258 -8.61 21.36 0.62
CA GLN A 258 -7.50 21.45 1.57
C GLN A 258 -7.98 21.25 3.00
N PRO A 259 -7.49 20.17 3.66
CA PRO A 259 -7.84 19.94 5.07
C PRO A 259 -7.34 21.06 5.97
N GLU A 260 -8.05 21.29 7.07
CA GLU A 260 -7.79 22.44 7.94
C GLU A 260 -6.32 22.55 8.34
N TYR A 261 -5.72 21.42 8.73
CA TYR A 261 -4.38 21.43 9.29
C TYR A 261 -3.28 21.15 8.26
N CYS A 262 -3.67 20.87 7.03
CA CYS A 262 -2.71 20.65 5.95
C CYS A 262 -2.03 21.98 5.57
N PRO A 263 -0.68 22.04 5.69
CA PRO A 263 0.05 23.23 5.29
C PRO A 263 -0.18 23.55 3.82
N ASP A 264 -0.16 24.84 3.47
CA ASP A 264 -0.33 25.28 2.09
C ASP A 264 0.60 24.57 1.11
N PRO A 265 1.93 24.51 1.41
CA PRO A 265 2.81 23.80 0.47
C PRO A 265 2.49 22.31 0.34
N LEU A 266 1.98 21.68 1.41
CA LEU A 266 1.58 20.27 1.29
C LEU A 266 0.35 20.10 0.37
N TYR A 267 -0.59 21.04 0.44
CA TYR A 267 -1.73 21.03 -0.49
C TYR A 267 -1.27 21.24 -1.93
N GLU A 268 -0.32 22.15 -2.14
CA GLU A 268 0.26 22.34 -3.47
C GLU A 268 0.89 21.06 -4.01
N VAL A 269 1.49 20.26 -3.13
CA VAL A 269 2.05 18.95 -3.48
C VAL A 269 0.93 18.00 -3.96
N MET A 270 -0.17 17.94 -3.21
CA MET A 270 -1.34 17.13 -3.57
C MET A 270 -1.86 17.49 -4.95
N LEU A 271 -1.93 18.79 -5.24
CA LEU A 271 -2.43 19.28 -6.52
C LEU A 271 -1.52 18.87 -7.67
N LYS A 272 -0.21 18.85 -7.41
CA LYS A 272 0.78 18.36 -8.37
C LYS A 272 0.61 16.87 -8.65
N CYS A 273 0.30 16.11 -7.59
CA CYS A 273 0.08 14.67 -7.69
C CYS A 273 -1.15 14.38 -8.54
N TRP A 274 -2.11 15.30 -8.52
CA TRP A 274 -3.36 15.17 -9.28
C TRP A 274 -3.34 15.95 -10.60
N HIS A 275 -2.16 16.25 -11.11
CA HIS A 275 -2.02 16.92 -12.41
C HIS A 275 -2.80 16.12 -13.48
N PRO A 276 -3.55 16.82 -14.36
CA PRO A 276 -4.30 16.15 -15.43
C PRO A 276 -3.40 15.34 -16.36
N LYS A 277 -2.16 15.79 -16.54
CA LYS A 277 -1.19 15.13 -17.39
C LYS A 277 -0.28 14.26 -16.53
N ALA A 278 -0.40 12.95 -16.68
CA ALA A 278 0.37 12.00 -15.87
C ALA A 278 1.86 12.29 -15.86
N GLU A 279 2.40 12.63 -17.03
CA GLU A 279 3.83 12.91 -17.19
C GLU A 279 4.31 14.16 -16.45
N MET A 280 3.38 15.06 -16.09
CA MET A 280 3.70 16.29 -15.35
C MET A 280 3.63 16.13 -13.82
N ARG A 281 3.14 14.99 -13.35
CA ARG A 281 3.08 14.73 -11.91
C ARG A 281 4.49 14.52 -11.41
N PRO A 282 4.74 14.82 -10.13
CA PRO A 282 6.11 14.68 -9.62
C PRO A 282 6.51 13.22 -9.47
N SER A 283 7.81 12.94 -9.62
CA SER A 283 8.33 11.62 -9.33
C SER A 283 8.28 11.41 -7.83
N PHE A 284 8.42 10.16 -7.39
CA PHE A 284 8.49 9.89 -5.96
C PHE A 284 9.74 10.46 -5.30
N SER A 285 10.85 10.55 -6.05
CA SER A 285 12.07 11.22 -5.57
C SER A 285 11.79 12.69 -5.22
N GLU A 286 11.12 13.40 -6.13
CA GLU A 286 10.73 14.79 -5.94
C GLU A 286 9.76 14.96 -4.77
N LEU A 287 8.85 14.01 -4.61
CA LEU A 287 7.93 14.01 -3.47
C LEU A 287 8.67 13.84 -2.15
N VAL A 288 9.67 12.95 -2.12
CA VAL A 288 10.52 12.80 -0.92
C VAL A 288 11.25 14.12 -0.62
N SER A 289 11.83 14.73 -1.64
CA SER A 289 12.53 16.02 -1.50
C SER A 289 11.61 17.14 -0.94
N ARG A 290 10.45 17.32 -1.58
CA ARG A 290 9.50 18.38 -1.21
C ARG A 290 8.90 18.18 0.16
N ILE A 291 8.55 16.94 0.49
CA ILE A 291 7.94 16.62 1.77
C ILE A 291 8.95 16.69 2.93
N SER A 292 10.20 16.27 2.69
CA SER A 292 11.26 16.38 3.71
CA SER A 292 11.25 16.38 3.72
C SER A 292 11.41 17.84 4.15
N ALA A 293 11.37 18.74 3.18
CA ALA A 293 11.48 20.18 3.39
C ALA A 293 10.33 20.75 4.24
N ILE A 294 9.09 20.47 3.83
CA ILE A 294 7.90 20.88 4.59
C ILE A 294 7.96 20.31 6.02
N PHE A 295 8.25 19.02 6.12
CA PHE A 295 8.38 18.33 7.42
C PHE A 295 9.39 19.02 8.36
N SER A 296 10.55 19.39 7.81
CA SER A 296 11.61 20.06 8.58
C SER A 296 11.21 21.43 9.17
N THR A 297 10.14 22.03 8.66
CA THR A 297 9.74 23.35 9.15
C THR A 297 8.95 23.27 10.46
N PHE A 298 8.50 22.07 10.80
CA PHE A 298 7.66 21.84 11.98
C PHE A 298 8.47 21.44 13.20
N ILE A 299 7.93 21.79 14.37
CA ILE A 299 8.43 21.33 15.66
C ILE A 299 7.36 20.45 16.33
N GLY A 300 7.76 19.42 17.05
CA GLY A 300 6.83 18.56 17.80
C GLY A 300 5.98 17.63 16.97
N1 L5G B . -3.21 -6.06 5.64
N3 L5G B . -0.56 -5.98 3.56
C4 L5G B . -5.01 -4.68 6.30
C5 L5G B . -5.77 -3.52 6.16
C6 L5G B . -6.93 -3.34 6.92
C7 L5G B . -3.86 -4.88 5.54
C8 L5G B . -3.39 -3.91 4.66
C10 L5G B . -1.64 -5.40 4.09
C13 L5G B . -1.02 -8.22 7.97
C15 L5G B . 1.22 -7.79 8.73
C17 L5G B . -0.55 -7.52 10.23
C20 L5G B . -3.27 -7.59 10.83
C21 L5G B . -2.83 -7.93 9.56
C22 L5G B . -1.92 -6.57 14.10
O2 L5G B . -2.86 -6.90 13.06
C19 L5G B . -2.35 -7.23 11.83
C18 L5G B . -0.98 -7.18 11.52
C16 L5G B . -1.47 -7.90 9.25
N5 L5G B . 0.77 -7.48 9.95
C14 L5G B . 0.34 -8.17 7.72
O1 L5G B . -1.93 -8.60 7.01
C12 L5G B . -1.46 -8.59 5.61
C11 L5G B . -1.34 -7.40 4.91
N2 L5G B . -2.20 -6.31 4.99
N4 L5G B . -0.38 -7.12 4.02
C9 L5G B . -2.25 -4.16 3.92
C3 L5G B . -5.41 -5.67 7.19
C2 L5G B . -6.57 -5.50 7.97
C1 L5G B . -7.32 -4.34 7.83
#